data_5A6X
#
_entry.id   5A6X
#
_cell.length_a   52.558
_cell.length_b   65.585
_cell.length_c   109.036
_cell.angle_alpha   90.00
_cell.angle_beta   90.00
_cell.angle_gamma   90.00
#
_symmetry.space_group_name_H-M   'P 21 21 21'
#
loop_
_entity.id
_entity.type
_entity.pdbx_description
1 polymer 'FUCOSE-BINDING LECTIN PA-IIL'
2 non-polymer 'CALCIUM ION'
3 non-polymer 'methyl alpha-L-fucopyranoside'
4 water water
#
_entity_poly.entity_id   1
_entity_poly.type   'polypeptide(L)'
_entity_poly.pdbx_seq_one_letter_code
;ATQGVFTLPANTQFGVTAFANSAGTQTVNVQVNNETVATFTGQSTNNAIIGSKVLNSGGGGKVQILVSVNGRSSDLVSAQ
VILANELNFALVGSEDSTDNDYNDAVVVINWPLG
;
_entity_poly.pdbx_strand_id   A,B,C,D
#
loop_
_chem_comp.id
_chem_comp.type
_chem_comp.name
_chem_comp.formula
CA non-polymer 'CALCIUM ION' 'Ca 2'
MFU L-saccharide 'methyl alpha-L-fucopyranoside' 'C7 H14 O5'
#
# COMPACT_ATOMS: atom_id res chain seq x y z
N ALA A 1 11.35 -9.74 9.76
CA ALA A 1 11.13 -8.37 10.34
C ALA A 1 9.94 -8.44 11.28
N THR A 2 9.93 -7.54 12.24
CA THR A 2 8.75 -7.35 13.08
C THR A 2 7.63 -6.81 12.23
N GLN A 3 6.45 -7.32 12.51
CA GLN A 3 5.23 -6.93 11.81
C GLN A 3 4.20 -6.60 12.86
N GLY A 4 3.19 -5.84 12.45
CA GLY A 4 2.10 -5.46 13.33
C GLY A 4 2.33 -4.30 14.27
N VAL A 5 3.40 -3.55 14.02
CA VAL A 5 3.75 -2.36 14.81
C VAL A 5 3.63 -1.14 13.91
N PHE A 6 2.92 -0.11 14.41
CA PHE A 6 2.67 1.09 13.63
C PHE A 6 2.86 2.35 14.46
N THR A 7 3.45 3.39 13.88
CA THR A 7 3.57 4.71 14.54
C THR A 7 2.48 5.62 13.99
N LEU A 8 1.56 5.95 14.86
CA LEU A 8 0.46 6.89 14.56
C LEU A 8 0.86 8.28 15.05
N PRO A 9 0.21 9.31 14.51
CA PRO A 9 0.40 10.61 15.14
C PRO A 9 -0.04 10.57 16.60
N ALA A 10 0.62 11.37 17.42
CA ALA A 10 0.33 11.38 18.85
C ALA A 10 -1.10 11.82 19.14
N ASN A 11 -1.62 11.25 20.20
CA ASN A 11 -2.88 11.69 20.79
C ASN A 11 -4.04 11.80 19.80
N THR A 12 -4.12 10.79 18.95
CA THR A 12 -5.04 10.76 17.83
C THR A 12 -5.95 9.57 17.97
N GLN A 13 -7.23 9.82 17.78
CA GLN A 13 -8.19 8.69 17.79
C GLN A 13 -8.07 7.86 16.57
N PHE A 14 -8.21 6.57 16.74
CA PHE A 14 -8.17 5.63 15.61
C PHE A 14 -9.17 4.54 15.83
N GLY A 15 -9.62 3.92 14.73
CA GLY A 15 -10.47 2.75 14.80
C GLY A 15 -9.61 1.49 14.67
N VAL A 16 -9.96 0.47 15.40
CA VAL A 16 -9.36 -0.87 15.22
C VAL A 16 -10.52 -1.87 15.10
N THR A 17 -10.43 -2.70 14.04
CA THR A 17 -11.49 -3.66 13.74
C THR A 17 -10.81 -4.99 13.41
N ALA A 18 -11.31 -6.09 13.97
CA ALA A 18 -10.75 -7.39 13.70
C ALA A 18 -11.84 -8.34 13.15
N PHE A 19 -11.40 -9.15 12.18
CA PHE A 19 -12.22 -10.15 11.51
C PHE A 19 -11.60 -11.53 11.71
N ALA A 20 -12.44 -12.56 11.76
CA ALA A 20 -11.95 -13.93 11.91
C ALA A 20 -12.32 -14.81 10.73
N ASN A 21 -11.36 -15.66 10.34
CA ASN A 21 -11.54 -16.64 9.25
C ASN A 21 -10.72 -17.87 9.53
N SER A 22 -11.16 -18.64 10.52
CA SER A 22 -10.41 -19.82 10.97
C SER A 22 -11.28 -20.71 11.84
N ALA A 23 -10.93 -21.99 11.87
CA ALA A 23 -11.55 -22.89 12.85
C ALA A 23 -11.11 -22.53 14.26
N GLY A 24 -9.96 -21.93 14.42
CA GLY A 24 -9.41 -21.61 15.77
C GLY A 24 -9.97 -20.34 16.34
N THR A 25 -10.15 -20.31 17.67
CA THR A 25 -10.56 -19.07 18.33
C THR A 25 -9.40 -18.09 18.31
N GLN A 26 -9.64 -16.90 17.79
CA GLN A 26 -8.61 -15.85 17.67
C GLN A 26 -8.61 -14.92 18.89
N THR A 27 -7.40 -14.56 19.35
CA THR A 27 -7.19 -13.57 20.39
C THR A 27 -6.35 -12.48 19.78
N VAL A 28 -6.88 -11.28 19.68
CA VAL A 28 -6.16 -10.14 19.13
C VAL A 28 -5.91 -9.13 20.23
N ASN A 29 -4.64 -8.93 20.55
N ASN A 29 -4.64 -8.92 20.53
CA ASN A 29 -4.24 -7.96 21.59
CA ASN A 29 -4.23 -7.99 21.59
C ASN A 29 -3.83 -6.67 20.96
C ASN A 29 -3.80 -6.68 20.97
N VAL A 30 -4.38 -5.56 21.42
CA VAL A 30 -4.02 -4.24 20.91
C VAL A 30 -3.27 -3.48 22.00
N GLN A 31 -2.01 -3.14 21.75
CA GLN A 31 -1.21 -2.38 22.71
C GLN A 31 -0.98 -0.98 22.19
N VAL A 32 -1.12 -0.01 23.07
CA VAL A 32 -0.80 1.39 22.77
C VAL A 32 0.30 1.78 23.74
N ASN A 33 1.41 2.25 23.19
CA ASN A 33 2.59 2.61 23.98
C ASN A 33 2.93 1.55 25.00
N ASN A 34 2.93 0.33 24.48
CA ASN A 34 3.43 -0.88 25.20
C ASN A 34 2.53 -1.33 26.33
N GLU A 35 1.27 -0.93 26.35
CA GLU A 35 0.29 -1.41 27.30
C GLU A 35 -0.93 -1.92 26.53
N THR A 36 -1.46 -3.07 26.94
CA THR A 36 -2.70 -3.60 26.35
C THR A 36 -3.87 -2.74 26.72
N VAL A 37 -4.54 -2.24 25.69
CA VAL A 37 -5.73 -1.40 25.88
C VAL A 37 -7.00 -2.11 25.43
N ALA A 38 -6.89 -3.16 24.62
CA ALA A 38 -8.04 -3.92 24.15
C ALA A 38 -7.62 -5.31 23.74
N THR A 39 -8.47 -6.28 23.99
CA THR A 39 -8.31 -7.65 23.52
C THR A 39 -9.60 -8.11 22.91
N PHE A 40 -9.55 -8.57 21.66
CA PHE A 40 -10.70 -9.11 20.95
C PHE A 40 -10.55 -10.62 20.84
N THR A 41 -11.57 -11.34 21.26
CA THR A 41 -11.62 -12.79 21.20
C THR A 41 -12.84 -13.22 20.45
N GLY A 42 -12.66 -14.10 19.46
CA GLY A 42 -13.81 -14.66 18.77
C GLY A 42 -13.46 -15.74 17.78
N GLN A 43 -14.49 -16.30 17.15
CA GLN A 43 -14.31 -17.37 16.20
C GLN A 43 -15.31 -17.24 15.06
N SER A 44 -14.81 -17.39 13.83
CA SER A 44 -15.64 -17.36 12.64
C SER A 44 -14.85 -17.93 11.49
N THR A 45 -15.52 -18.64 10.58
CA THR A 45 -14.94 -18.95 9.27
C THR A 45 -15.55 -18.13 8.15
N ASN A 46 -16.23 -17.06 8.51
CA ASN A 46 -16.96 -16.25 7.53
C ASN A 46 -16.84 -14.77 7.76
N ASN A 47 -15.66 -14.37 8.23
CA ASN A 47 -15.26 -12.98 8.27
C ASN A 47 -16.08 -12.17 9.28
N ALA A 48 -16.61 -12.81 10.31
CA ALA A 48 -17.31 -12.05 11.35
C ALA A 48 -16.38 -11.09 12.01
N ILE A 49 -16.94 -9.94 12.38
CA ILE A 49 -16.22 -8.92 13.16
C ILE A 49 -16.18 -9.38 14.63
N ILE A 50 -14.99 -9.58 15.15
CA ILE A 50 -14.78 -10.03 16.55
C ILE A 50 -14.44 -8.87 17.47
N GLY A 51 -14.31 -7.69 16.93
CA GLY A 51 -14.16 -6.51 17.73
C GLY A 51 -14.04 -5.27 16.87
N SER A 52 -14.55 -4.14 17.38
CA SER A 52 -14.34 -2.84 16.70
C SER A 52 -14.39 -1.78 17.77
N LYS A 53 -13.35 -0.97 17.93
CA LYS A 53 -13.31 0.00 19.00
C LYS A 53 -12.64 1.27 18.50
N VAL A 54 -12.93 2.37 19.16
CA VAL A 54 -12.19 3.63 18.98
C VAL A 54 -11.24 3.79 20.17
N LEU A 55 -9.98 3.99 19.83
CA LEU A 55 -8.89 4.11 20.79
C LEU A 55 -8.11 5.33 20.53
N ASN A 56 -7.21 5.68 21.45
CA ASN A 56 -6.37 6.87 21.32
C ASN A 56 -4.91 6.45 21.33
N SER A 57 -4.15 6.99 20.41
CA SER A 57 -2.75 6.59 20.22
C SER A 57 -1.82 7.09 21.32
N GLY A 58 -2.32 8.01 22.15
CA GLY A 58 -1.56 8.44 23.32
C GLY A 58 -0.33 9.23 22.94
N GLY A 59 0.51 9.48 23.94
CA GLY A 59 1.63 10.37 23.66
C GLY A 59 2.62 9.88 22.64
N GLY A 60 2.91 8.57 22.68
CA GLY A 60 3.95 8.00 21.85
C GLY A 60 3.52 7.55 20.50
N GLY A 61 2.22 7.40 20.30
CA GLY A 61 1.72 6.96 19.02
C GLY A 61 1.97 5.54 18.64
N LYS A 62 2.50 4.70 19.54
CA LYS A 62 2.85 3.34 19.14
C LYS A 62 1.72 2.40 19.29
N VAL A 63 1.33 1.75 18.20
CA VAL A 63 0.25 0.77 18.24
C VAL A 63 0.81 -0.59 17.77
N GLN A 64 0.56 -1.64 18.55
CA GLN A 64 1.06 -3.00 18.22
C GLN A 64 -0.09 -3.95 18.32
N ILE A 65 -0.19 -4.80 17.31
CA ILE A 65 -1.14 -5.89 17.22
C ILE A 65 -0.42 -7.21 17.40
N LEU A 66 -0.91 -8.05 18.31
CA LEU A 66 -0.45 -9.41 18.47
C LEU A 66 -1.63 -10.37 18.36
N VAL A 67 -1.42 -11.51 17.72
CA VAL A 67 -2.49 -12.46 17.50
C VAL A 67 -2.03 -13.83 17.95
N SER A 68 -2.90 -14.47 18.70
CA SER A 68 -2.63 -15.86 19.12
C SER A 68 -3.91 -16.71 19.08
N VAL A 69 -3.70 -18.01 19.11
CA VAL A 69 -4.75 -19.02 19.12
C VAL A 69 -4.37 -19.96 20.22
N ASN A 70 -5.13 -19.93 21.32
CA ASN A 70 -4.91 -20.86 22.44
C ASN A 70 -3.45 -20.78 22.95
N GLY A 71 -2.95 -19.56 23.03
CA GLY A 71 -1.60 -19.33 23.53
C GLY A 71 -0.46 -19.51 22.53
N ARG A 72 -0.74 -19.96 21.30
CA ARG A 72 0.26 -20.03 20.26
C ARG A 72 0.21 -18.76 19.37
N SER A 73 1.30 -18.05 19.29
CA SER A 73 1.42 -16.83 18.47
C SER A 73 1.24 -17.18 17.00
N SER A 74 0.40 -16.41 16.31
CA SER A 74 0.27 -16.53 14.85
C SER A 74 1.39 -15.73 14.18
N ASP A 75 1.74 -16.11 12.96
CA ASP A 75 2.69 -15.39 12.14
C ASP A 75 1.96 -14.19 11.54
N LEU A 76 2.55 -13.01 11.61
CA LEU A 76 1.90 -11.78 11.16
C LEU A 76 2.51 -11.26 9.86
N VAL A 77 1.62 -10.62 9.09
CA VAL A 77 2.06 -9.79 7.97
C VAL A 77 1.38 -8.43 8.07
N SER A 78 2.05 -7.38 7.67
CA SER A 78 1.44 -6.06 7.83
C SER A 78 2.02 -5.03 6.90
N ALA A 79 1.31 -3.92 6.74
CA ALA A 79 1.81 -2.74 6.06
C ALA A 79 0.92 -1.58 6.42
N GLN A 80 1.37 -0.36 6.15
CA GLN A 80 0.55 0.88 6.26
C GLN A 80 0.46 1.48 4.88
N VAL A 81 -0.76 1.93 4.55
N VAL A 81 -0.75 1.93 4.55
CA VAL A 81 -1.02 2.65 3.30
CA VAL A 81 -0.98 2.65 3.30
C VAL A 81 -1.69 3.97 3.61
C VAL A 81 -1.70 3.97 3.59
N ILE A 82 -1.27 5.02 2.90
CA ILE A 82 -1.80 6.36 3.06
C ILE A 82 -2.33 6.80 1.72
N LEU A 83 -3.60 7.20 1.72
CA LEU A 83 -4.28 7.76 0.53
C LEU A 83 -4.48 9.28 0.70
N ALA A 84 -4.20 9.98 -0.40
CA ALA A 84 -4.35 11.43 -0.48
C ALA A 84 -3.60 12.14 0.65
N ASN A 85 -2.50 11.53 1.05
CA ASN A 85 -1.62 12.07 2.11
C ASN A 85 -2.37 12.34 3.40
N GLU A 86 -3.47 11.63 3.65
CA GLU A 86 -4.33 11.96 4.77
C GLU A 86 -5.06 10.77 5.39
N LEU A 87 -5.55 9.85 4.57
CA LEU A 87 -6.34 8.72 5.08
C LEU A 87 -5.42 7.51 5.26
N ASN A 88 -5.32 7.01 6.49
CA ASN A 88 -4.36 5.98 6.81
C ASN A 88 -5.01 4.65 7.17
N PHE A 89 -4.41 3.58 6.63
CA PHE A 89 -4.80 2.23 6.96
C PHE A 89 -3.58 1.47 7.43
N ALA A 90 -3.65 0.90 8.62
CA ALA A 90 -2.60 -0.02 9.09
C ALA A 90 -3.26 -1.39 9.08
N LEU A 91 -2.64 -2.32 8.39
CA LEU A 91 -3.27 -3.58 7.98
C LEU A 91 -2.47 -4.74 8.54
N VAL A 92 -3.18 -5.71 9.15
CA VAL A 92 -2.51 -6.89 9.66
C VAL A 92 -3.25 -8.16 9.21
N GLY A 93 -2.49 -9.12 8.73
CA GLY A 93 -3.01 -10.50 8.56
C GLY A 93 -2.20 -11.43 9.43
N SER A 94 -2.74 -12.63 9.60
CA SER A 94 -2.10 -13.59 10.50
C SER A 94 -2.44 -14.99 10.06
N GLU A 95 -1.49 -15.88 10.36
CA GLU A 95 -1.61 -17.31 10.02
C GLU A 95 -1.41 -18.18 11.25
N ASP A 96 -2.42 -19.00 11.53
CA ASP A 96 -2.46 -19.86 12.70
C ASP A 96 -2.15 -21.34 12.41
N SER A 97 -1.91 -21.64 11.13
CA SER A 97 -1.79 -23.06 10.72
C SER A 97 -0.84 -23.15 9.55
N THR A 98 -1.21 -23.94 8.53
CA THR A 98 -0.28 -24.27 7.47
C THR A 98 -0.73 -23.99 6.07
N ASP A 99 -1.94 -23.48 5.90
CA ASP A 99 -2.43 -23.18 4.51
C ASP A 99 -1.99 -21.87 3.93
N ASN A 100 -1.47 -21.00 4.79
CA ASN A 100 -0.92 -19.71 4.35
C ASN A 100 -1.90 -18.84 3.61
N ASP A 101 -3.13 -18.84 4.09
CA ASP A 101 -4.08 -17.82 3.66
C ASP A 101 -3.92 -16.49 4.41
N TYR A 102 -3.28 -16.51 5.56
CA TYR A 102 -2.99 -15.25 6.29
C TYR A 102 -4.23 -14.41 6.64
N ASN A 103 -5.41 -15.02 6.74
CA ASN A 103 -6.66 -14.29 7.00
C ASN A 103 -7.27 -14.74 8.32
N ASP A 104 -6.50 -15.51 9.11
CA ASP A 104 -7.15 -16.21 10.21
C ASP A 104 -7.69 -15.23 11.30
N ALA A 105 -6.90 -14.20 11.56
CA ALA A 105 -7.39 -12.92 12.07
C ALA A 105 -6.84 -11.82 11.17
N VAL A 106 -7.72 -10.92 10.78
CA VAL A 106 -7.39 -9.78 9.96
C VAL A 106 -7.72 -8.55 10.77
N VAL A 107 -6.79 -7.60 10.87
CA VAL A 107 -6.99 -6.36 11.67
C VAL A 107 -6.79 -5.16 10.79
N VAL A 108 -7.75 -4.25 10.85
CA VAL A 108 -7.70 -2.97 10.10
C VAL A 108 -7.75 -1.84 11.13
N ILE A 109 -6.74 -1.01 11.09
CA ILE A 109 -6.65 0.22 11.88
C ILE A 109 -6.81 1.41 10.93
N ASN A 110 -7.69 2.34 11.26
CA ASN A 110 -7.96 3.48 10.38
C ASN A 110 -7.93 4.78 11.14
N TRP A 111 -7.38 5.80 10.51
CA TRP A 111 -7.41 7.17 11.03
C TRP A 111 -7.27 8.14 9.89
N PRO A 112 -7.66 9.40 10.00
CA PRO A 112 -8.36 9.99 11.14
C PRO A 112 -9.78 9.62 11.22
N LEU A 113 -10.36 9.90 12.40
CA LEU A 113 -11.80 9.75 12.61
C LEU A 113 -12.44 11.14 12.57
N GLY A 114 -13.76 11.14 12.63
CA GLY A 114 -14.54 12.36 12.77
C GLY A 114 -14.93 13.06 11.48
N ALA B 1 -8.40 10.28 -12.15
CA ALA B 1 -8.53 8.83 -12.48
C ALA B 1 -9.78 8.26 -11.81
N THR B 2 -10.33 7.21 -12.40
CA THR B 2 -11.40 6.47 -11.75
C THR B 2 -10.79 5.81 -10.50
N GLN B 3 -11.61 5.82 -9.47
CA GLN B 3 -11.28 5.25 -8.15
C GLN B 3 -12.44 4.41 -7.69
N GLY B 4 -12.14 3.50 -6.78
CA GLY B 4 -13.16 2.61 -6.22
C GLY B 4 -13.55 1.39 -7.04
N VAL B 5 -12.79 1.09 -8.08
CA VAL B 5 -13.06 -0.06 -8.94
C VAL B 5 -11.89 -1.02 -8.78
N PHE B 6 -12.19 -2.30 -8.55
CA PHE B 6 -11.18 -3.29 -8.30
C PHE B 6 -11.46 -4.58 -9.04
N THR B 7 -10.40 -5.21 -9.59
CA THR B 7 -10.54 -6.53 -10.22
C THR B 7 -10.08 -7.60 -9.26
N LEU B 8 -11.04 -8.37 -8.79
CA LEU B 8 -10.82 -9.49 -7.92
C LEU B 8 -10.66 -10.74 -8.76
N PRO B 9 -10.00 -11.76 -8.19
CA PRO B 9 -10.11 -13.06 -8.84
C PRO B 9 -11.58 -13.50 -8.98
N ALA B 10 -11.87 -14.28 -10.02
CA ALA B 10 -13.24 -14.73 -10.26
C ALA B 10 -13.77 -15.64 -9.14
N ASN B 11 -15.06 -15.56 -8.91
CA ASN B 11 -15.79 -16.53 -8.10
C ASN B 11 -15.25 -16.67 -6.69
N THR B 12 -14.85 -15.52 -6.15
CA THR B 12 -14.16 -15.48 -4.86
C THR B 12 -14.99 -14.77 -3.82
N GLN B 13 -15.13 -15.37 -2.66
CA GLN B 13 -15.81 -14.73 -1.54
C GLN B 13 -14.97 -13.63 -1.02
N PHE B 14 -15.58 -12.51 -0.69
CA PHE B 14 -14.88 -11.38 -0.14
C PHE B 14 -15.76 -10.66 0.89
N GLY B 15 -15.11 -9.97 1.81
CA GLY B 15 -15.82 -9.15 2.77
C GLY B 15 -15.80 -7.71 2.34
N VAL B 16 -16.88 -7.01 2.65
CA VAL B 16 -16.92 -5.58 2.49
C VAL B 16 -17.50 -4.95 3.78
N THR B 17 -16.81 -3.94 4.29
CA THR B 17 -17.14 -3.30 5.57
C THR B 17 -17.00 -1.80 5.38
N ALA B 18 -17.95 -1.05 5.90
CA ALA B 18 -17.94 0.40 5.80
C ALA B 18 -18.10 1.05 7.18
N PHE B 19 -17.39 2.15 7.31
CA PHE B 19 -17.35 2.98 8.50
C PHE B 19 -17.74 4.42 8.14
N ALA B 20 -18.38 5.13 9.05
CA ALA B 20 -18.77 6.53 8.80
C ALA B 20 -18.10 7.51 9.75
N ASN B 21 -17.72 8.66 9.18
CA ASN B 21 -17.09 9.75 9.93
C ASN B 21 -17.50 11.08 9.29
N SER B 22 -18.76 11.45 9.48
CA SER B 22 -19.29 12.65 8.88
C SER B 22 -20.61 13.05 9.49
N ALA B 23 -20.93 14.33 9.43
CA ALA B 23 -22.29 14.79 9.75
C ALA B 23 -23.32 14.25 8.77
N GLY B 24 -22.91 13.99 7.55
CA GLY B 24 -23.83 13.56 6.50
C GLY B 24 -24.15 12.08 6.61
N THR B 25 -25.35 11.70 6.27
CA THR B 25 -25.74 10.29 6.19
C THR B 25 -25.11 9.68 4.94
N GLN B 26 -24.36 8.60 5.11
CA GLN B 26 -23.63 7.97 4.02
C GLN B 26 -24.45 6.83 3.41
N THR B 27 -24.43 6.72 2.06
CA THR B 27 -24.99 5.59 1.34
C THR B 27 -23.86 4.99 0.54
N VAL B 28 -23.48 3.76 0.88
CA VAL B 28 -22.42 3.04 0.18
C VAL B 28 -23.08 1.98 -0.71
N ASN B 29 -22.83 2.05 -2.02
CA ASN B 29 -23.37 1.10 -3.01
C ASN B 29 -22.21 0.21 -3.41
N VAL B 30 -22.43 -1.08 -3.32
CA VAL B 30 -21.47 -2.06 -3.79
C VAL B 30 -21.98 -2.81 -5.02
N GLN B 31 -21.22 -2.79 -6.11
CA GLN B 31 -21.63 -3.50 -7.33
C GLN B 31 -20.64 -4.58 -7.65
N VAL B 32 -21.15 -5.71 -8.09
CA VAL B 32 -20.34 -6.83 -8.54
C VAL B 32 -20.81 -7.06 -9.99
N ASN B 33 -19.86 -7.00 -10.94
CA ASN B 33 -20.15 -7.16 -12.37
C ASN B 33 -21.37 -6.35 -12.78
N ASN B 34 -21.33 -5.10 -12.34
CA ASN B 34 -22.29 -4.04 -12.73
C ASN B 34 -23.72 -4.22 -12.22
N GLU B 35 -23.88 -4.99 -11.16
CA GLU B 35 -25.16 -5.12 -10.46
C GLU B 35 -24.97 -4.77 -8.99
N THR B 36 -25.86 -3.97 -8.43
CA THR B 36 -25.79 -3.66 -7.00
C THR B 36 -26.08 -4.89 -6.20
N VAL B 37 -25.18 -5.24 -5.29
CA VAL B 37 -25.35 -6.41 -4.45
C VAL B 37 -25.37 -6.10 -2.96
N ALA B 38 -24.99 -4.88 -2.58
CA ALA B 38 -25.15 -4.43 -1.19
C ALA B 38 -25.28 -2.94 -1.12
N THR B 39 -25.98 -2.47 -0.08
CA THR B 39 -26.16 -1.06 0.20
C THR B 39 -26.09 -0.85 1.67
N PHE B 40 -25.22 0.06 2.09
CA PHE B 40 -25.10 0.39 3.48
C PHE B 40 -25.45 1.82 3.69
N THR B 41 -26.35 2.12 4.63
CA THR B 41 -26.83 3.48 4.87
C THR B 41 -26.68 3.75 6.36
N GLY B 42 -25.96 4.79 6.73
CA GLY B 42 -25.81 5.13 8.13
C GLY B 42 -25.13 6.44 8.37
N GLN B 43 -24.97 6.78 9.65
CA GLN B 43 -24.37 8.05 10.01
C GLN B 43 -23.64 7.92 11.33
N SER B 44 -22.42 8.46 11.37
CA SER B 44 -21.62 8.51 12.56
C SER B 44 -20.54 9.55 12.35
N THR B 45 -20.15 10.22 13.44
CA THR B 45 -18.89 10.98 13.46
C THR B 45 -17.80 10.26 14.27
N ASN B 46 -18.00 9.00 14.61
N ASN B 46 -18.01 8.99 14.59
CA ASN B 46 -17.06 8.24 15.48
CA ASN B 46 -17.11 8.22 15.46
C ASN B 46 -16.79 6.82 14.97
C ASN B 46 -16.80 6.82 14.96
N ASN B 47 -16.72 6.68 13.64
CA ASN B 47 -16.25 5.46 13.01
C ASN B 47 -17.15 4.23 13.20
N ALA B 48 -18.44 4.47 13.42
CA ALA B 48 -19.32 3.35 13.56
C ALA B 48 -19.34 2.54 12.27
N ILE B 49 -19.46 1.23 12.46
CA ILE B 49 -19.67 0.35 11.31
C ILE B 49 -21.09 0.55 10.79
N ILE B 50 -21.24 0.91 9.51
CA ILE B 50 -22.56 1.08 8.89
C ILE B 50 -22.94 -0.11 8.01
N GLY B 51 -22.03 -1.05 7.85
CA GLY B 51 -22.37 -2.33 7.25
C GLY B 51 -21.18 -3.26 7.17
N SER B 52 -21.46 -4.55 7.12
CA SER B 52 -20.42 -5.58 6.82
C SER B 52 -21.10 -6.78 6.23
N LYS B 53 -20.66 -7.21 5.04
CA LYS B 53 -21.32 -8.30 4.34
C LYS B 53 -20.31 -9.16 3.65
N VAL B 54 -20.67 -10.40 3.40
CA VAL B 54 -19.87 -11.34 2.59
C VAL B 54 -20.53 -11.53 1.22
N LEU B 55 -19.73 -11.32 0.19
CA LEU B 55 -20.18 -11.32 -1.21
C LEU B 55 -19.32 -12.23 -2.05
N ASN B 56 -19.76 -12.50 -3.28
CA ASN B 56 -18.97 -13.26 -4.24
C ASN B 56 -18.65 -12.43 -5.50
N SER B 57 -17.41 -12.50 -5.95
CA SER B 57 -16.95 -11.65 -7.04
C SER B 57 -17.49 -12.08 -8.42
N GLY B 58 -18.04 -13.27 -8.49
CA GLY B 58 -18.71 -13.70 -9.71
C GLY B 58 -17.73 -14.01 -10.82
N GLY B 59 -18.29 -14.27 -11.98
CA GLY B 59 -17.40 -14.63 -13.11
C GLY B 59 -16.43 -13.55 -13.54
N GLY B 60 -16.87 -12.31 -13.46
CA GLY B 60 -16.09 -11.18 -13.94
C GLY B 60 -15.09 -10.57 -12.96
N GLY B 61 -15.33 -10.76 -11.67
CA GLY B 61 -14.45 -10.20 -10.65
C GLY B 61 -14.49 -8.70 -10.46
N LYS B 62 -15.40 -8.01 -11.13
CA LYS B 62 -15.41 -6.55 -11.04
C LYS B 62 -16.18 -6.08 -9.85
N VAL B 63 -15.50 -5.36 -8.96
CA VAL B 63 -16.15 -4.81 -7.78
C VAL B 63 -16.02 -3.32 -7.79
N GLN B 64 -17.14 -2.61 -7.62
CA GLN B 64 -17.13 -1.14 -7.67
C GLN B 64 -17.84 -0.61 -6.42
N ILE B 65 -17.18 0.35 -5.76
CA ILE B 65 -17.77 1.09 -4.62
C ILE B 65 -18.14 2.49 -5.03
N LEU B 66 -19.37 2.94 -4.71
CA LEU B 66 -19.80 4.29 -4.88
C LEU B 66 -20.34 4.80 -3.57
N VAL B 67 -20.13 6.08 -3.28
CA VAL B 67 -20.60 6.68 -2.03
C VAL B 67 -21.34 7.95 -2.33
N SER B 68 -22.50 8.09 -1.73
CA SER B 68 -23.24 9.36 -1.87
C SER B 68 -23.79 9.84 -0.56
N VAL B 69 -24.04 11.14 -0.49
CA VAL B 69 -24.65 11.78 0.67
C VAL B 69 -25.77 12.65 0.13
N ASN B 70 -27.00 12.32 0.51
CA ASN B 70 -28.23 13.05 0.08
C ASN B 70 -28.21 13.18 -1.45
N GLY B 71 -27.84 12.08 -2.09
CA GLY B 71 -27.83 12.05 -3.55
C GLY B 71 -26.59 12.61 -4.25
N ARG B 72 -25.67 13.27 -3.52
CA ARG B 72 -24.46 13.85 -4.10
C ARG B 72 -23.32 12.83 -4.04
N SER B 73 -22.67 12.56 -5.17
CA SER B 73 -21.55 11.60 -5.19
C SER B 73 -20.37 12.19 -4.46
N SER B 74 -19.83 11.38 -3.56
CA SER B 74 -18.60 11.76 -2.85
C SER B 74 -17.41 11.50 -3.76
N ASP B 75 -16.34 12.28 -3.61
CA ASP B 75 -15.08 12.07 -4.33
C ASP B 75 -14.35 10.88 -3.65
N LEU B 76 -13.84 9.97 -4.47
CA LEU B 76 -13.23 8.76 -3.92
C LEU B 76 -11.73 8.74 -4.08
N VAL B 77 -11.10 8.08 -3.13
CA VAL B 77 -9.68 7.68 -3.24
C VAL B 77 -9.56 6.19 -2.94
N SER B 78 -8.65 5.50 -3.62
CA SER B 78 -8.56 4.04 -3.42
C SER B 78 -7.22 3.49 -3.79
N ALA B 79 -6.99 2.28 -3.32
CA ALA B 79 -5.81 1.47 -3.72
C ALA B 79 -6.02 0.05 -3.31
N GLN B 80 -5.27 -0.86 -3.88
CA GLN B 80 -5.26 -2.27 -3.43
C GLN B 80 -3.88 -2.59 -2.94
N VAL B 81 -3.81 -3.29 -1.83
N VAL B 81 -3.80 -3.29 -1.83
CA VAL B 81 -2.55 -3.74 -1.28
CA VAL B 81 -2.53 -3.75 -1.32
C VAL B 81 -2.60 -5.26 -1.06
C VAL B 81 -2.60 -5.25 -1.05
N ILE B 82 -1.50 -5.90 -1.39
CA ILE B 82 -1.35 -7.35 -1.25
C ILE B 82 -0.19 -7.66 -0.34
N LEU B 83 -0.46 -8.44 0.67
CA LEU B 83 0.54 -8.87 1.67
C LEU B 83 0.84 -10.34 1.46
N ALA B 84 2.13 -10.65 1.52
CA ALA B 84 2.64 -12.05 1.37
C ALA B 84 2.15 -12.68 0.08
N ASN B 85 1.98 -11.85 -0.94
CA ASN B 85 1.52 -12.29 -2.25
C ASN B 85 0.19 -13.05 -2.25
N GLU B 86 -0.65 -12.84 -1.22
CA GLU B 86 -1.89 -13.60 -1.12
C GLU B 86 -3.04 -12.92 -0.37
N LEU B 87 -2.76 -12.08 0.62
CA LEU B 87 -3.79 -11.47 1.44
C LEU B 87 -4.08 -10.10 0.85
N ASN B 88 -5.31 -9.90 0.42
CA ASN B 88 -5.66 -8.70 -0.34
C ASN B 88 -6.57 -7.72 0.42
N PHE B 89 -6.27 -6.46 0.28
CA PHE B 89 -7.14 -5.38 0.77
C PHE B 89 -7.43 -4.39 -0.34
N ALA B 90 -8.71 -4.10 -0.62
CA ALA B 90 -9.09 -3.05 -1.54
C ALA B 90 -9.72 -1.97 -0.66
N LEU B 91 -9.16 -0.78 -0.75
CA LEU B 91 -9.39 0.28 0.23
C LEU B 91 -9.98 1.50 -0.44
N VAL B 92 -11.02 2.06 0.18
CA VAL B 92 -11.68 3.27 -0.35
C VAL B 92 -11.86 4.30 0.75
N GLY B 93 -11.51 5.54 0.45
CA GLY B 93 -11.96 6.67 1.23
C GLY B 93 -12.83 7.56 0.38
N SER B 94 -13.56 8.42 1.06
CA SER B 94 -14.50 9.27 0.34
C SER B 94 -14.68 10.58 1.06
N GLU B 95 -14.97 11.62 0.26
CA GLU B 95 -15.04 13.00 0.74
C GLU B 95 -16.34 13.62 0.27
N ASP B 96 -17.16 13.96 1.24
CA ASP B 96 -18.50 14.53 1.00
C ASP B 96 -18.56 16.04 1.06
N SER B 97 -17.46 16.66 1.42
CA SER B 97 -17.38 18.12 1.61
C SER B 97 -16.05 18.59 1.09
N THR B 98 -15.44 19.55 1.77
CA THR B 98 -14.22 20.19 1.26
C THR B 98 -13.13 20.27 2.31
N ASP B 99 -13.29 19.59 3.45
CA ASP B 99 -12.20 19.52 4.46
C ASP B 99 -11.12 18.51 4.09
N ASN B 100 -11.43 17.63 3.14
CA ASN B 100 -10.47 16.70 2.61
C ASN B 100 -9.80 15.78 3.64
N ASP B 101 -10.63 15.28 4.53
CA ASP B 101 -10.20 14.20 5.41
C ASP B 101 -10.37 12.81 4.77
N TYR B 102 -11.22 12.68 3.77
CA TYR B 102 -11.44 11.43 3.03
C TYR B 102 -11.80 10.21 3.86
N ASN B 103 -12.43 10.50 5.02
CA ASN B 103 -12.87 9.39 5.89
C ASN B 103 -14.40 9.35 6.05
N ASP B 104 -15.13 10.09 5.24
CA ASP B 104 -16.54 10.31 5.53
C ASP B 104 -17.34 9.04 5.46
N ALA B 105 -17.05 8.24 4.44
CA ALA B 105 -17.27 6.80 4.46
C ALA B 105 -15.94 6.16 4.09
N VAL B 106 -15.54 5.16 4.87
CA VAL B 106 -14.32 4.38 4.65
C VAL B 106 -14.75 2.97 4.38
N VAL B 107 -14.27 2.36 3.29
CA VAL B 107 -14.74 1.03 2.88
C VAL B 107 -13.53 0.13 2.72
N VAL B 108 -13.59 -1.04 3.40
CA VAL B 108 -12.50 -2.05 3.34
C VAL B 108 -13.05 -3.31 2.75
N ILE B 109 -12.44 -3.76 1.67
CA ILE B 109 -12.75 -5.03 1.03
C ILE B 109 -11.58 -5.98 1.35
N ASN B 110 -11.88 -7.19 1.78
CA ASN B 110 -10.83 -8.16 2.14
C ASN B 110 -11.06 -9.52 1.57
N TRP B 111 -10.01 -10.16 1.05
CA TRP B 111 -10.09 -11.55 0.61
C TRP B 111 -8.72 -12.16 0.72
N PRO B 112 -8.55 -13.48 0.75
CA PRO B 112 -9.62 -14.46 0.83
C PRO B 112 -10.30 -14.51 2.18
N LEU B 113 -11.44 -15.18 2.18
CA LEU B 113 -12.16 -15.52 3.42
C LEU B 113 -12.06 -17.00 3.71
N GLY B 114 -12.51 -17.39 4.90
CA GLY B 114 -12.56 -18.81 5.27
C GLY B 114 -11.36 -19.37 5.99
N ALA C 1 6.44 -14.97 7.38
CA ALA C 1 5.91 -15.25 6.01
C ALA C 1 7.01 -15.07 5.01
N THR C 2 6.87 -15.76 3.89
CA THR C 2 7.78 -15.55 2.75
C THR C 2 7.55 -14.14 2.24
N GLN C 3 8.65 -13.48 1.90
CA GLN C 3 8.62 -12.12 1.39
C GLN C 3 9.42 -12.10 0.09
N GLY C 4 9.19 -11.10 -0.71
CA GLY C 4 9.92 -10.91 -1.96
C GLY C 4 9.48 -11.75 -3.14
N VAL C 5 8.33 -12.38 -3.03
CA VAL C 5 7.75 -13.18 -4.09
C VAL C 5 6.47 -12.51 -4.59
N PHE C 6 6.32 -12.36 -5.93
CA PHE C 6 5.17 -11.67 -6.49
C PHE C 6 4.65 -12.42 -7.70
N THR C 7 3.33 -12.46 -7.85
CA THR C 7 2.67 -13.05 -9.03
C THR C 7 2.23 -11.95 -9.94
N LEU C 8 2.87 -11.92 -11.11
CA LEU C 8 2.56 -10.97 -12.19
C LEU C 8 1.66 -11.65 -13.23
N PRO C 9 0.95 -10.88 -14.01
CA PRO C 9 0.32 -11.45 -15.18
C PRO C 9 1.38 -12.08 -16.10
N ALA C 10 1.00 -13.15 -16.77
CA ALA C 10 1.90 -13.86 -17.68
C ALA C 10 2.38 -12.99 -18.82
N ASN C 11 3.60 -13.27 -19.27
CA ASN C 11 4.17 -12.70 -20.49
C ASN C 11 4.02 -11.17 -20.52
N THR C 12 4.38 -10.56 -19.39
CA THR C 12 4.26 -9.11 -19.18
C THR C 12 5.63 -8.50 -18.91
N GLN C 13 5.95 -7.46 -19.65
CA GLN C 13 7.19 -6.72 -19.42
C GLN C 13 7.08 -5.96 -18.12
N PHE C 14 8.18 -5.93 -17.37
CA PHE C 14 8.21 -5.19 -16.12
C PHE C 14 9.57 -4.60 -15.90
N GLY C 15 9.60 -3.54 -15.09
CA GLY C 15 10.86 -2.92 -14.68
C GLY C 15 11.29 -3.39 -13.31
N VAL C 16 12.59 -3.57 -13.13
CA VAL C 16 13.15 -3.82 -11.80
C VAL C 16 14.35 -2.90 -11.59
N THR C 17 14.34 -2.21 -10.46
CA THR C 17 15.33 -1.20 -10.14
C THR C 17 15.76 -1.44 -8.69
N ALA C 18 17.06 -1.41 -8.41
CA ALA C 18 17.60 -1.58 -7.06
C ALA C 18 18.47 -0.41 -6.67
N PHE C 19 18.32 -0.05 -5.40
CA PHE C 19 19.08 1.02 -4.77
C PHE C 19 19.84 0.45 -3.60
N ALA C 20 21.03 0.99 -3.31
CA ALA C 20 21.85 0.51 -2.17
C ALA C 20 22.00 1.60 -1.12
N ASN C 21 21.90 1.16 0.13
CA ASN C 21 22.09 2.03 1.30
C ASN C 21 22.74 1.26 2.43
N SER C 22 24.00 0.92 2.24
CA SER C 22 24.69 0.05 3.19
C SER C 22 26.20 0.08 2.99
N ALA C 23 26.94 -0.15 4.08
CA ALA C 23 28.38 -0.33 3.96
C ALA C 23 28.69 -1.56 3.12
N GLY C 24 27.81 -2.54 3.16
CA GLY C 24 28.08 -3.82 2.52
C GLY C 24 27.73 -3.81 1.04
N THR C 25 28.49 -4.58 0.27
CA THR C 25 28.19 -4.75 -1.15
C THR C 25 26.98 -5.68 -1.28
N GLN C 26 25.99 -5.22 -2.02
CA GLN C 26 24.73 -5.90 -2.20
C GLN C 26 24.73 -6.73 -3.47
N THR C 27 24.22 -7.96 -3.35
CA THR C 27 24.00 -8.80 -4.52
C THR C 27 22.52 -9.12 -4.56
N VAL C 28 21.82 -8.56 -5.55
CA VAL C 28 20.36 -8.71 -5.68
C VAL C 28 20.16 -9.76 -6.79
N ASN C 29 19.52 -10.88 -6.48
CA ASN C 29 19.22 -11.91 -7.44
C ASN C 29 17.72 -11.79 -7.80
N VAL C 30 17.46 -11.70 -9.10
CA VAL C 30 16.08 -11.64 -9.61
C VAL C 30 15.80 -12.93 -10.31
N GLN C 31 14.82 -13.69 -9.83
CA GLN C 31 14.43 -14.93 -10.47
C GLN C 31 13.06 -14.77 -11.10
N VAL C 32 12.90 -15.25 -12.32
CA VAL C 32 11.60 -15.28 -13.00
C VAL C 32 11.32 -16.75 -13.23
N ASN C 33 10.17 -17.23 -12.76
CA ASN C 33 9.81 -18.66 -12.88
C ASN C 33 10.93 -19.59 -12.43
N ASN C 34 11.50 -19.22 -11.28
CA ASN C 34 12.49 -20.00 -10.59
C ASN C 34 13.85 -20.14 -11.26
N GLU C 35 14.17 -19.21 -12.16
CA GLU C 35 15.48 -19.16 -12.83
C GLU C 35 16.00 -17.73 -12.74
N THR C 36 17.27 -17.59 -12.40
CA THR C 36 17.90 -16.26 -12.30
C THR C 36 17.96 -15.63 -13.65
N VAL C 37 17.45 -14.42 -13.74
CA VAL C 37 17.49 -13.65 -14.97
C VAL C 37 18.23 -12.32 -14.85
N ALA C 38 18.54 -11.92 -13.62
CA ALA C 38 19.33 -10.69 -13.39
C ALA C 38 20.02 -10.76 -12.06
N THR C 39 21.23 -10.19 -12.04
CA THR C 39 21.98 -10.09 -10.81
C THR C 39 22.53 -8.69 -10.76
N PHE C 40 22.22 -7.98 -9.69
CA PHE C 40 22.70 -6.62 -9.51
C PHE C 40 23.68 -6.63 -8.36
N THR C 41 24.91 -6.17 -8.63
CA THR C 41 25.97 -6.14 -7.63
C THR C 41 26.46 -4.71 -7.54
N GLY C 42 26.38 -4.12 -6.36
CA GLY C 42 26.85 -2.78 -6.16
C GLY C 42 26.93 -2.36 -4.75
N GLN C 43 27.38 -1.13 -4.54
CA GLN C 43 27.55 -0.63 -3.16
C GLN C 43 27.41 0.88 -3.10
N SER C 44 26.68 1.35 -2.11
CA SER C 44 26.49 2.78 -1.87
C SER C 44 25.90 2.91 -0.47
N THR C 45 26.26 4.01 0.23
CA THR C 45 25.54 4.43 1.44
C THR C 45 24.62 5.62 1.16
N ASN C 46 24.38 5.94 -0.12
CA ASN C 46 23.57 7.12 -0.48
C ASN C 46 22.65 6.90 -1.67
N ASN C 47 22.07 5.71 -1.68
CA ASN C 47 20.93 5.43 -2.59
C ASN C 47 21.29 5.33 -4.06
N ALA C 48 22.54 5.02 -4.38
CA ALA C 48 22.89 4.80 -5.78
C ALA C 48 22.09 3.67 -6.36
N ILE C 49 21.72 3.86 -7.63
CA ILE C 49 21.10 2.78 -8.39
C ILE C 49 22.14 1.74 -8.70
N ILE C 50 21.91 0.49 -8.29
CA ILE C 50 22.83 -0.60 -8.57
C ILE C 50 22.33 -1.51 -9.69
N GLY C 51 21.14 -1.25 -10.20
CA GLY C 51 20.67 -1.90 -11.40
C GLY C 51 19.30 -1.41 -11.80
N SER C 52 19.02 -1.44 -13.07
CA SER C 52 17.67 -1.16 -13.56
C SER C 52 17.56 -1.87 -14.90
N LYS C 53 16.58 -2.74 -15.02
CA LYS C 53 16.44 -3.61 -16.18
C LYS C 53 14.98 -3.81 -16.50
N VAL C 54 14.70 -4.14 -17.75
CA VAL C 54 13.36 -4.58 -18.19
C VAL C 54 13.44 -6.08 -18.37
N LEU C 55 12.48 -6.75 -17.77
CA LEU C 55 12.38 -8.19 -17.78
C LEU C 55 10.99 -8.59 -18.25
N ASN C 56 10.78 -9.88 -18.44
CA ASN C 56 9.46 -10.39 -18.79
C ASN C 56 9.05 -11.48 -17.83
N SER C 57 7.78 -11.45 -17.40
CA SER C 57 7.31 -12.37 -16.40
C SER C 57 7.09 -13.82 -16.90
N GLY C 58 7.16 -14.03 -18.22
CA GLY C 58 7.16 -15.37 -18.77
C GLY C 58 5.87 -16.12 -18.57
N GLY C 59 5.91 -17.42 -18.79
CA GLY C 59 4.66 -18.20 -18.77
C GLY C 59 3.94 -18.25 -17.44
N GLY C 60 4.72 -18.32 -16.37
CA GLY C 60 4.16 -18.47 -15.04
C GLY C 60 3.91 -17.20 -14.25
N GLY C 61 4.57 -16.12 -14.63
CA GLY C 61 4.42 -14.87 -13.91
C GLY C 61 5.08 -14.73 -12.55
N LYS C 62 5.90 -15.70 -12.16
CA LYS C 62 6.49 -15.66 -10.81
C LYS C 62 7.76 -14.83 -10.80
N VAL C 63 7.83 -13.81 -9.93
CA VAL C 63 9.02 -13.00 -9.77
C VAL C 63 9.48 -13.12 -8.31
N GLN C 64 10.74 -13.41 -8.10
CA GLN C 64 11.30 -13.52 -6.75
C GLN C 64 12.56 -12.71 -6.62
N ILE C 65 12.65 -11.95 -5.54
CA ILE C 65 13.85 -11.15 -5.21
C ILE C 65 14.54 -11.80 -4.05
N LEU C 66 15.85 -12.02 -4.14
CA LEU C 66 16.68 -12.43 -3.00
C LEU C 66 17.85 -11.44 -2.90
N VAL C 67 18.30 -11.16 -1.70
CA VAL C 67 19.44 -10.24 -1.52
C VAL C 67 20.43 -10.91 -0.56
N SER C 68 21.70 -10.84 -0.93
CA SER C 68 22.77 -11.27 0.00
C SER C 68 23.92 -10.29 0.06
N VAL C 69 24.63 -10.36 1.18
CA VAL C 69 25.79 -9.50 1.43
C VAL C 69 26.87 -10.42 1.98
N ASN C 70 27.97 -10.48 1.27
CA ASN C 70 29.08 -11.37 1.64
C ASN C 70 28.58 -12.82 1.81
N GLY C 71 27.69 -13.25 0.94
CA GLY C 71 27.16 -14.60 1.00
C GLY C 71 26.07 -14.88 2.02
N ARG C 72 25.73 -13.91 2.87
CA ARG C 72 24.68 -14.09 3.88
C ARG C 72 23.36 -13.53 3.40
N SER C 73 22.29 -14.27 3.45
CA SER C 73 20.95 -13.76 3.05
C SER C 73 20.46 -12.65 3.94
N SER C 74 20.02 -11.56 3.33
CA SER C 74 19.38 -10.48 4.05
C SER C 74 17.94 -10.81 4.35
N ASP C 75 17.43 -10.27 5.45
CA ASP C 75 16.01 -10.43 5.80
C ASP C 75 15.18 -9.50 4.93
N LEU C 76 14.07 -9.98 4.39
CA LEU C 76 13.28 -9.19 3.47
C LEU C 76 11.95 -8.76 4.01
N VAL C 77 11.51 -7.63 3.50
CA VAL C 77 10.12 -7.15 3.70
C VAL C 77 9.54 -6.76 2.34
N SER C 78 8.25 -6.96 2.13
CA SER C 78 7.70 -6.66 0.84
C SER C 78 6.23 -6.45 0.89
N ALA C 79 5.72 -5.81 -0.15
CA ALA C 79 4.27 -5.73 -0.41
C ALA C 79 4.03 -5.33 -1.87
N GLN C 80 2.80 -5.51 -2.36
CA GLN C 80 2.40 -5.00 -3.68
C GLN C 80 1.28 -3.99 -3.50
N VAL C 81 1.32 -2.90 -4.28
CA VAL C 81 0.26 -1.91 -4.28
C VAL C 81 -0.17 -1.63 -5.70
N ILE C 82 -1.46 -1.47 -5.87
CA ILE C 82 -2.06 -1.22 -7.16
C ILE C 82 -2.84 0.09 -7.11
N LEU C 83 -2.55 0.98 -8.03
CA LEU C 83 -3.22 2.29 -8.19
C LEU C 83 -4.11 2.26 -9.41
N ALA C 84 -5.29 2.84 -9.27
CA ALA C 84 -6.28 2.97 -10.34
C ALA C 84 -6.61 1.63 -11.00
N ASN C 85 -6.51 0.57 -10.21
CA ASN C 85 -6.77 -0.80 -10.65
C ASN C 85 -5.92 -1.25 -11.85
N GLU C 86 -4.75 -0.64 -12.05
CA GLU C 86 -3.98 -0.78 -13.29
C GLU C 86 -2.46 -0.67 -13.11
N LEU C 87 -2.00 0.21 -12.24
CA LEU C 87 -0.59 0.54 -12.13
C LEU C 87 -0.02 -0.16 -10.93
N ASN C 88 0.94 -1.05 -11.17
CA ASN C 88 1.41 -1.95 -10.13
C ASN C 88 2.81 -1.68 -9.65
N PHE C 89 2.99 -1.75 -8.34
CA PHE C 89 4.32 -1.65 -7.75
C PHE C 89 4.55 -2.81 -6.80
N ALA C 90 5.61 -3.56 -7.00
CA ALA C 90 6.04 -4.60 -6.05
C ALA C 90 7.31 -4.10 -5.39
N LEU C 91 7.29 -4.08 -4.07
CA LEU C 91 8.25 -3.32 -3.27
C LEU C 91 8.99 -4.24 -2.31
N VAL C 92 10.32 -4.15 -2.28
CA VAL C 92 11.14 -4.99 -1.39
C VAL C 92 12.15 -4.14 -0.63
N GLY C 93 12.25 -4.36 0.67
CA GLY C 93 13.36 -3.85 1.49
C GLY C 93 14.13 -5.03 2.03
N SER C 94 15.36 -4.76 2.41
CA SER C 94 16.22 -5.83 2.90
C SER C 94 17.15 -5.29 3.98
N GLU C 95 17.51 -6.17 4.88
CA GLU C 95 18.32 -5.84 6.07
C GLU C 95 19.48 -6.81 6.19
N ASP C 96 20.70 -6.24 6.16
CA ASP C 96 21.95 -7.01 6.18
C ASP C 96 22.66 -7.02 7.51
N SER C 97 22.11 -6.29 8.47
CA SER C 97 22.71 -6.12 9.79
C SER C 97 21.66 -6.10 10.89
N THR C 98 21.91 -5.34 11.92
CA THR C 98 21.04 -5.32 13.11
C THR C 98 20.35 -3.96 13.35
N ASP C 99 20.54 -2.96 12.48
CA ASP C 99 19.89 -1.66 12.73
C ASP C 99 18.44 -1.50 12.26
N ASN C 100 17.98 -2.49 11.55
CA ASN C 100 16.60 -2.55 11.09
C ASN C 100 16.11 -1.34 10.35
N ASP C 101 16.91 -0.84 9.42
CA ASP C 101 16.42 0.18 8.52
C ASP C 101 15.79 -0.39 7.24
N TYR C 102 16.09 -1.65 6.93
CA TYR C 102 15.52 -2.36 5.79
C TYR C 102 15.73 -1.66 4.45
N ASN C 103 16.74 -0.80 4.33
CA ASN C 103 16.96 -0.09 3.09
C ASN C 103 18.28 -0.51 2.44
N ASP C 104 18.90 -1.60 2.92
CA ASP C 104 20.30 -1.87 2.53
C ASP C 104 20.41 -2.17 1.04
N ALA C 105 19.44 -2.93 0.53
CA ALA C 105 19.06 -2.95 -0.86
C ALA C 105 17.56 -2.74 -0.89
N VAL C 106 17.14 -1.79 -1.71
CA VAL C 106 15.71 -1.51 -1.92
C VAL C 106 15.42 -1.86 -3.36
N VAL C 107 14.34 -2.59 -3.58
CA VAL C 107 14.02 -3.06 -4.92
C VAL C 107 12.59 -2.63 -5.27
N VAL C 108 12.44 -1.96 -6.40
CA VAL C 108 11.12 -1.57 -6.93
C VAL C 108 10.87 -2.24 -8.27
N ILE C 109 9.75 -2.94 -8.37
CA ILE C 109 9.28 -3.61 -9.58
C ILE C 109 8.05 -2.84 -10.02
N ASN C 110 7.98 -2.49 -11.29
CA ASN C 110 6.83 -1.71 -11.83
C ASN C 110 6.29 -2.27 -13.13
N TRP C 111 4.98 -2.30 -13.26
CA TRP C 111 4.32 -2.72 -14.51
C TRP C 111 2.93 -2.07 -14.55
N PRO C 112 2.30 -1.92 -15.72
CA PRO C 112 2.85 -2.21 -17.03
C PRO C 112 3.81 -1.15 -17.49
N LEU C 113 4.55 -1.51 -18.54
CA LEU C 113 5.42 -0.58 -19.25
C LEU C 113 4.80 -0.15 -20.55
N GLY C 114 5.49 0.79 -21.22
CA GLY C 114 5.17 1.18 -22.59
C GLY C 114 4.12 2.27 -22.67
N ALA D 1 -9.46 13.99 -5.87
CA ALA D 1 -8.57 14.39 -4.72
C ALA D 1 -7.25 14.86 -5.25
N THR D 2 -6.58 15.71 -4.48
CA THR D 2 -5.18 16.06 -4.83
C THR D 2 -4.34 14.77 -4.68
N GLN D 3 -3.41 14.62 -5.60
CA GLN D 3 -2.51 13.49 -5.64
C GLN D 3 -1.11 14.03 -5.82
N GLY D 4 -0.14 13.19 -5.50
CA GLY D 4 1.26 13.57 -5.68
C GLY D 4 1.86 14.45 -4.61
N VAL D 5 1.19 14.58 -3.48
CA VAL D 5 1.68 15.38 -2.34
C VAL D 5 1.91 14.43 -1.16
N PHE D 6 3.09 14.53 -0.53
CA PHE D 6 3.49 13.64 0.54
C PHE D 6 4.15 14.39 1.69
N THR D 7 3.84 13.99 2.92
CA THR D 7 4.51 14.54 4.12
C THR D 7 5.61 13.59 4.52
N LEU D 8 6.83 14.08 4.42
CA LEU D 8 8.02 13.40 4.90
C LEU D 8 8.39 13.94 6.27
N PRO D 9 9.21 13.20 7.01
CA PRO D 9 9.79 13.78 8.22
C PRO D 9 10.65 14.97 7.84
N ALA D 10 10.71 15.93 8.75
CA ALA D 10 11.48 17.16 8.49
C ALA D 10 12.93 16.91 8.28
N ASN D 11 13.52 17.71 7.41
CA ASN D 11 14.96 17.81 7.23
C ASN D 11 15.60 16.47 6.97
N THR D 12 14.92 15.68 6.14
CA THR D 12 15.32 14.28 5.88
C THR D 12 15.75 14.09 4.42
N GLN D 13 16.85 13.37 4.24
CA GLN D 13 17.28 12.95 2.90
C GLN D 13 16.39 11.88 2.33
N PHE D 14 16.07 12.03 1.06
CA PHE D 14 15.23 11.09 0.35
C PHE D 14 15.67 10.93 -1.06
N GLY D 15 15.34 9.79 -1.64
CA GLY D 15 15.61 9.54 -3.06
C GLY D 15 14.36 9.83 -3.90
N VAL D 16 14.54 10.43 -5.08
CA VAL D 16 13.44 10.54 -6.04
C VAL D 16 13.95 10.06 -7.38
N THR D 17 13.18 9.18 -8.00
CA THR D 17 13.55 8.50 -9.24
C THR D 17 12.32 8.54 -10.17
N ALA D 18 12.53 8.91 -11.42
CA ALA D 18 11.42 9.00 -12.39
C ALA D 18 11.74 8.12 -13.59
N PHE D 19 10.69 7.45 -14.07
CA PHE D 19 10.71 6.52 -15.19
C PHE D 19 9.74 7.03 -16.22
N ALA D 20 10.04 6.80 -17.49
CA ALA D 20 9.13 7.18 -18.57
C ALA D 20 8.63 6.01 -19.41
N ASN D 21 7.36 6.08 -19.78
CA ASN D 21 6.68 5.07 -20.59
C ASN D 21 5.61 5.70 -21.46
N SER D 22 6.04 6.50 -22.45
CA SER D 22 5.14 7.27 -23.26
C SER D 22 5.84 7.79 -24.50
N ALA D 23 5.07 7.97 -25.56
CA ALA D 23 5.58 8.69 -26.72
C ALA D 23 5.85 10.17 -26.43
N GLY D 24 5.19 10.71 -25.39
CA GLY D 24 5.35 12.11 -25.03
C GLY D 24 6.55 12.35 -24.13
N THR D 25 7.21 13.48 -24.33
CA THR D 25 8.33 13.87 -23.45
C THR D 25 7.77 14.33 -22.13
N GLN D 26 8.27 13.73 -21.07
CA GLN D 26 7.77 13.97 -19.71
C GLN D 26 8.62 15.04 -19.04
N THR D 27 7.93 15.96 -18.37
CA THR D 27 8.60 16.94 -17.51
C THR D 27 8.08 16.71 -16.09
N VAL D 28 8.96 16.26 -15.18
CA VAL D 28 8.58 15.99 -13.79
C VAL D 28 9.16 17.11 -12.92
N ASN D 29 8.29 17.81 -12.21
CA ASN D 29 8.67 18.89 -11.30
C ASN D 29 8.56 18.39 -9.88
N VAL D 30 9.64 18.57 -9.12
CA VAL D 30 9.71 18.17 -7.71
C VAL D 30 9.77 19.38 -6.87
N GLN D 31 8.81 19.57 -5.96
CA GLN D 31 8.82 20.74 -5.08
C GLN D 31 8.98 20.29 -3.65
N VAL D 32 9.78 21.04 -2.90
CA VAL D 32 9.97 20.83 -1.47
C VAL D 32 9.45 22.10 -0.81
N ASN D 33 8.47 21.94 0.09
CA ASN D 33 7.83 23.07 0.77
C ASN D 33 7.47 24.21 -0.19
N ASN D 34 6.84 23.80 -1.27
CA ASN D 34 6.28 24.70 -2.30
C ASN D 34 7.29 25.45 -3.19
N GLU D 35 8.50 24.94 -3.30
CA GLU D 35 9.48 25.50 -4.20
C GLU D 35 10.11 24.38 -5.00
N THR D 36 10.25 24.59 -6.29
CA THR D 36 10.90 23.61 -7.15
C THR D 36 12.34 23.41 -6.77
N VAL D 37 12.73 22.16 -6.57
CA VAL D 37 14.13 21.80 -6.29
C VAL D 37 14.74 20.90 -7.35
N ALA D 38 13.91 20.29 -8.19
CA ALA D 38 14.43 19.48 -9.30
C ALA D 38 13.41 19.41 -10.42
N THR D 39 13.92 19.25 -11.62
CA THR D 39 13.10 19.02 -12.82
C THR D 39 13.75 17.93 -13.63
N PHE D 40 12.98 16.90 -13.98
CA PHE D 40 13.49 15.81 -14.81
C PHE D 40 12.76 15.84 -16.13
N THR D 41 13.50 15.86 -17.23
CA THR D 41 12.88 15.91 -18.55
C THR D 41 13.44 14.77 -19.35
N GLY D 42 12.57 13.93 -19.91
CA GLY D 42 13.04 12.82 -20.73
C GLY D 42 11.92 12.12 -21.45
N GLN D 43 12.30 11.16 -22.28
CA GLN D 43 11.34 10.37 -23.03
C GLN D 43 11.83 8.93 -23.13
N SER D 44 10.90 7.99 -22.97
CA SER D 44 11.15 6.56 -23.18
C SER D 44 9.82 5.86 -23.28
N THR D 45 9.75 4.79 -24.08
CA THR D 45 8.61 3.84 -24.00
C THR D 45 9.05 2.49 -23.40
N ASN D 46 10.19 2.48 -22.73
CA ASN D 46 10.72 1.27 -22.14
C ASN D 46 11.28 1.46 -20.76
N ASN D 47 10.64 2.37 -20.00
CA ASN D 47 10.90 2.50 -18.55
C ASN D 47 12.25 3.07 -18.23
N ALA D 48 12.86 3.80 -19.16
CA ALA D 48 14.17 4.41 -18.84
C ALA D 48 14.01 5.36 -17.66
N ILE D 49 15.06 5.43 -16.87
CA ILE D 49 15.15 6.41 -15.81
C ILE D 49 15.46 7.78 -16.41
N ILE D 50 14.61 8.76 -16.18
CA ILE D 50 14.79 10.11 -16.70
C ILE D 50 15.31 11.06 -15.63
N GLY D 51 15.46 10.54 -14.42
CA GLY D 51 16.12 11.29 -13.35
C GLY D 51 16.21 10.50 -12.05
N SER D 52 17.23 10.75 -11.25
CA SER D 52 17.36 10.16 -9.94
C SER D 52 18.22 11.11 -9.15
N LYS D 53 17.72 11.60 -8.04
CA LYS D 53 18.46 12.50 -7.20
C LYS D 53 18.21 12.18 -5.74
N VAL D 54 19.09 12.64 -4.91
CA VAL D 54 18.93 12.68 -3.47
C VAL D 54 18.67 14.13 -3.09
N LEU D 55 17.60 14.33 -2.34
CA LEU D 55 17.11 15.66 -1.97
C LEU D 55 16.85 15.69 -0.48
N ASN D 56 16.66 16.88 0.08
CA ASN D 56 16.27 17.04 1.48
C ASN D 56 14.86 17.60 1.61
N SER D 57 14.09 17.09 2.58
CA SER D 57 12.66 17.47 2.74
C SER D 57 12.42 18.81 3.39
N GLY D 58 13.48 19.39 3.96
CA GLY D 58 13.36 20.74 4.52
C GLY D 58 12.57 20.79 5.82
N GLY D 59 12.38 21.98 6.33
CA GLY D 59 11.73 22.10 7.65
C GLY D 59 10.31 21.60 7.71
N GLY D 60 9.53 21.84 6.64
CA GLY D 60 8.15 21.41 6.60
C GLY D 60 7.81 20.00 6.11
N GLY D 61 8.80 19.37 5.50
CA GLY D 61 8.66 17.99 5.03
C GLY D 61 7.73 17.77 3.84
N LYS D 62 7.23 18.85 3.20
CA LYS D 62 6.26 18.67 2.13
C LYS D 62 6.95 18.43 0.82
N VAL D 63 6.61 17.33 0.16
CA VAL D 63 7.15 17.02 -1.16
C VAL D 63 6.01 16.86 -2.14
N GLN D 64 6.07 17.54 -3.28
CA GLN D 64 5.03 17.46 -4.27
C GLN D 64 5.63 17.13 -5.61
N ILE D 65 4.96 16.25 -6.35
CA ILE D 65 5.34 15.89 -7.74
C ILE D 65 4.26 16.41 -8.69
N LEU D 66 4.67 17.09 -9.76
CA LEU D 66 3.80 17.50 -10.85
C LEU D 66 4.38 16.97 -12.15
N VAL D 67 3.53 16.56 -13.06
CA VAL D 67 4.01 16.02 -14.35
C VAL D 67 3.26 16.71 -15.49
N SER D 68 4.02 17.14 -16.46
CA SER D 68 3.40 17.73 -17.69
C SER D 68 4.06 17.18 -18.95
N VAL D 69 3.32 17.25 -20.04
CA VAL D 69 3.79 16.85 -21.37
C VAL D 69 3.42 17.99 -22.33
N ASN D 70 4.46 18.62 -22.88
CA ASN D 70 4.29 19.73 -23.83
C ASN D 70 3.42 20.82 -23.21
N GLY D 71 3.65 21.09 -21.93
CA GLY D 71 2.88 22.10 -21.21
C GLY D 71 1.51 21.72 -20.65
N ARG D 72 1.01 20.51 -20.97
CA ARG D 72 -0.29 20.04 -20.52
C ARG D 72 -0.10 19.19 -19.25
N SER D 73 -0.79 19.54 -18.17
CA SER D 73 -0.69 18.79 -16.92
C SER D 73 -1.22 17.38 -17.10
N SER D 74 -0.47 16.39 -16.64
CA SER D 74 -0.94 15.01 -16.63
C SER D 74 -1.81 14.75 -15.39
N ASP D 75 -2.73 13.80 -15.52
CA ASP D 75 -3.55 13.37 -14.39
C ASP D 75 -2.72 12.45 -13.51
N LEU D 76 -2.75 12.65 -12.21
CA LEU D 76 -1.91 11.88 -11.31
C LEU D 76 -2.69 10.88 -10.45
N VAL D 77 -2.01 9.80 -10.12
CA VAL D 77 -2.45 8.86 -9.07
C VAL D 77 -1.31 8.62 -8.13
N SER D 78 -1.60 8.44 -6.86
CA SER D 78 -0.52 8.28 -5.87
C SER D 78 -0.95 7.57 -4.62
N ALA D 79 0.05 7.06 -3.90
CA ALA D 79 -0.19 6.55 -2.54
C ALA D 79 1.17 6.45 -1.85
N GLN D 80 1.16 6.28 -0.52
CA GLN D 80 2.39 5.97 0.24
C GLN D 80 2.21 4.66 0.92
N VAL D 81 3.25 3.85 0.85
CA VAL D 81 3.30 2.56 1.56
C VAL D 81 4.53 2.47 2.50
N ILE D 82 4.27 2.00 3.71
CA ILE D 82 5.29 1.85 4.72
C ILE D 82 5.43 0.38 5.08
N LEU D 83 6.66 -0.13 4.98
CA LEU D 83 6.97 -1.52 5.34
C LEU D 83 7.76 -1.57 6.62
N ALA D 84 7.38 -2.51 7.47
CA ALA D 84 8.02 -2.72 8.78
C ALA D 84 8.08 -1.48 9.66
N ASN D 85 7.06 -0.61 9.45
CA ASN D 85 6.95 0.68 10.15
C ASN D 85 8.14 1.59 9.98
N GLU D 86 8.93 1.39 8.94
CA GLU D 86 10.26 2.02 8.82
C GLU D 86 10.62 2.44 7.39
N LEU D 87 10.26 1.63 6.41
CA LEU D 87 10.77 1.81 5.06
C LEU D 87 9.65 2.39 4.23
N ASN D 88 9.84 3.58 3.68
CA ASN D 88 8.77 4.33 3.08
C ASN D 88 8.93 4.45 1.57
N PHE D 89 7.81 4.28 0.87
CA PHE D 89 7.73 4.51 -0.56
C PHE D 89 6.55 5.42 -0.86
N ALA D 90 6.82 6.56 -1.51
CA ALA D 90 5.77 7.44 -2.00
C ALA D 90 5.78 7.28 -3.53
N LEU D 91 4.63 6.94 -4.09
CA LEU D 91 4.49 6.41 -5.43
C LEU D 91 3.55 7.31 -6.24
N VAL D 92 3.99 7.67 -7.43
CA VAL D 92 3.16 8.46 -8.34
C VAL D 92 3.10 7.82 -9.72
N GLY D 93 1.91 7.75 -10.28
CA GLY D 93 1.72 7.54 -11.72
C GLY D 93 1.06 8.70 -12.36
N SER D 94 1.12 8.73 -13.69
CA SER D 94 0.58 9.87 -14.40
C SER D 94 0.12 9.44 -15.78
N GLU D 95 -0.90 10.15 -16.27
CA GLU D 95 -1.51 9.86 -17.54
C GLU D 95 -1.56 11.11 -18.40
N ASP D 96 -0.95 10.99 -19.58
CA ASP D 96 -0.82 12.11 -20.53
C ASP D 96 -1.76 12.04 -21.75
N SER D 97 -2.52 10.98 -21.85
CA SER D 97 -3.35 10.74 -23.04
C SER D 97 -4.63 10.00 -22.67
N THR D 98 -5.04 9.07 -23.51
CA THR D 98 -6.37 8.48 -23.37
C THR D 98 -6.41 7.02 -22.98
N ASP D 99 -5.29 6.33 -22.93
CA ASP D 99 -5.30 4.91 -22.69
C ASP D 99 -5.39 4.51 -21.23
N ASN D 100 -5.20 5.45 -20.34
CA ASN D 100 -5.33 5.20 -18.88
C ASN D 100 -4.46 4.07 -18.35
N ASP D 101 -3.20 4.07 -18.78
CA ASP D 101 -2.20 3.15 -18.20
C ASP D 101 -1.50 3.76 -17.00
N TYR D 102 -1.57 5.08 -16.87
CA TYR D 102 -0.98 5.80 -15.73
C TYR D 102 0.50 5.56 -15.50
N ASN D 103 1.23 5.16 -16.51
CA ASN D 103 2.67 4.85 -16.33
C ASN D 103 3.54 5.83 -17.11
N ASP D 104 2.93 6.90 -17.60
CA ASP D 104 3.61 7.68 -18.63
C ASP D 104 4.85 8.37 -18.06
N ALA D 105 4.69 8.90 -16.86
CA ALA D 105 5.83 9.13 -15.95
C ALA D 105 5.45 8.42 -14.67
N VAL D 106 6.39 7.68 -14.11
CA VAL D 106 6.24 6.99 -12.82
C VAL D 106 7.32 7.52 -11.91
N VAL D 107 6.94 7.93 -10.72
CA VAL D 107 7.90 8.57 -9.80
C VAL D 107 7.90 7.77 -8.48
N VAL D 108 9.09 7.40 -8.00
CA VAL D 108 9.26 6.69 -6.71
C VAL D 108 10.12 7.56 -5.81
N ILE D 109 9.59 7.84 -4.65
CA ILE D 109 10.30 8.54 -3.60
C ILE D 109 10.55 7.54 -2.46
N ASN D 110 11.79 7.42 -2.00
CA ASN D 110 12.14 6.42 -1.01
C ASN D 110 12.90 7.03 0.16
N TRP D 111 12.61 6.62 1.38
CA TRP D 111 13.36 7.04 2.55
C TRP D 111 13.12 6.03 3.65
N PRO D 112 13.97 5.90 4.66
CA PRO D 112 15.24 6.63 4.82
C PRO D 112 16.34 6.09 3.96
N LEU D 113 17.38 6.90 3.81
CA LEU D 113 18.62 6.53 3.11
C LEU D 113 19.68 6.19 4.11
N GLY D 114 20.84 5.73 3.61
CA GLY D 114 21.99 5.50 4.47
C GLY D 114 22.15 4.15 5.06
CA CA E . -4.73 -20.07 7.78
CA CA F . -8.26 -18.96 7.21
C1 MFU G . -7.56 -22.97 10.19
C2 MFU G . -7.07 -21.84 9.28
C3 MFU G . -7.36 -22.17 7.85
C4 MFU G . -8.86 -22.30 7.69
C5 MFU G . -9.38 -23.39 8.62
C6 MFU G . -10.88 -23.58 8.62
O1 MFU G . -6.88 -24.13 9.82
O2 MFU G . -5.67 -21.66 9.43
O3 MFU G . -6.92 -21.00 7.10
O4 MFU G . -9.44 -21.01 7.96
O5 MFU G . -8.95 -23.13 9.97
CM MFU G . -7.14 -25.21 10.70
CA CA H . -14.80 15.21 4.87
CA CA I . -14.99 13.32 8.11
C1 MFU J . -18.75 16.56 7.15
C2 MFU J . -17.46 15.86 6.77
C3 MFU J . -16.32 16.42 7.61
C4 MFU J . -16.63 16.22 9.07
C5 MFU J . -17.97 16.81 9.39
C6 MFU J . -18.39 16.49 10.81
O1 MFU J . -18.52 17.93 6.84
O2 MFU J . -17.05 16.04 5.38
O3 MFU J . -15.12 15.66 7.28
O4 MFU J . -16.60 14.79 9.33
O5 MFU J . -18.98 16.33 8.50
CM MFU J . -19.75 18.66 6.88
CA CA K . 20.50 -2.05 7.71
CA CA L . 21.06 0.98 5.58
C1 MFU M . 25.20 -1.51 7.15
C2 MFU M . 23.70 -1.28 7.07
C3 MFU M . 23.29 -0.11 7.93
C4 MFU M . 24.00 1.14 7.44
C5 MFU M . 25.50 0.88 7.44
C6 MFU M . 26.20 2.04 6.77
O1 MFU M . 25.49 -1.76 8.50
O2 MFU M . 22.95 -2.41 7.51
O3 MFU M . 21.88 0.04 7.72
O4 MFU M . 23.48 1.40 6.14
O5 MFU M . 25.80 -0.33 6.72
CM MFU M . 26.84 -2.17 8.62
CA CA N . -0.90 6.73 -21.01
CA CA O . 2.18 4.67 -21.24
C1 MFU P . 1.31 7.91 -24.99
C2 MFU P . 0.93 7.25 -23.67
C3 MFU P . 0.46 5.84 -23.88
C4 MFU P . 1.56 5.05 -24.60
C5 MFU P . 1.94 5.76 -25.90
C6 MFU P . 3.11 5.07 -26.57
O1 MFU P . 0.13 7.87 -25.76
O2 MFU P . -0.10 7.94 -22.97
O3 MFU P . 0.25 5.23 -22.58
O4 MFU P . 2.66 4.95 -23.69
O5 MFU P . 2.29 7.14 -25.65
CM MFU P . 0.29 8.68 -26.91
#